data_4EZZ
#
_entry.id   4EZZ
#
_cell.length_a   93.711
_cell.length_b   116.593
_cell.length_c   37.056
_cell.angle_alpha   90.00
_cell.angle_beta   90.00
_cell.angle_gamma   90.00
#
_symmetry.space_group_name_H-M   'I 2 2 2'
#
loop_
_entity.id
_entity.type
_entity.pdbx_description
1 polymer 'Chaperone protein DnaK'
2 polymer 'synthetic peptide ELPLVKI'
3 water water
#
loop_
_entity_poly.entity_id
_entity_poly.type
_entity_poly.pdbx_seq_one_letter_code
_entity_poly.pdbx_strand_id
1 'polypeptide(L)'
;VLLLDVTPLSLGIETMGGVMTTLIAKNTTIPTKHSQVFSTAEDNQSAVTIHVLQGERKRAADNKSLGQFNLDGINPAPRG
MPQIEVTFDIDADGILHVSAKDKNSGKEQKITIKASSGLNEDEIQKMVRDAEANAEADRKFEELVQTRNQGDHLLHSTRK
QVEEAGDKLPADDKTAIESALTALETALKGEDKAAIEAKMQELAQVSQKLMEIAQQQHA
;
A
2 'polypeptide(L)' ELPLVKI B
#
# COMPACT_ATOMS: atom_id res chain seq x y z
N VAL A 1 9.85 -5.41 -37.05
CA VAL A 1 9.47 -6.76 -36.53
C VAL A 1 7.98 -6.99 -36.84
N LEU A 2 7.56 -8.23 -37.00
CA LEU A 2 6.17 -8.48 -37.33
C LEU A 2 5.48 -8.79 -36.04
N LEU A 3 6.28 -8.84 -35.02
CA LEU A 3 5.87 -9.40 -33.79
C LEU A 3 6.55 -8.69 -32.64
N LEU A 4 5.76 -8.45 -31.59
CA LEU A 4 6.27 -8.01 -30.31
C LEU A 4 5.79 -8.94 -29.21
N ASP A 5 6.68 -9.34 -28.31
CA ASP A 5 6.17 -9.77 -27.00
C ASP A 5 5.98 -8.63 -25.96
N VAL A 6 4.73 -8.42 -25.61
CA VAL A 6 4.29 -7.40 -24.66
C VAL A 6 3.56 -8.11 -23.51
N THR A 7 3.44 -7.41 -22.39
CA THR A 7 2.74 -7.93 -21.23
C THR A 7 1.27 -7.81 -21.52
N PRO A 8 0.54 -8.93 -21.46
CA PRO A 8 -0.88 -8.79 -21.78
C PRO A 8 -1.69 -8.23 -20.62
N LEU A 9 -1.16 -8.32 -19.41
CA LEU A 9 -1.78 -7.70 -18.23
C LEU A 9 -0.73 -7.05 -17.39
N SER A 10 -1.13 -6.02 -16.67
CA SER A 10 -0.31 -5.41 -15.68
C SER A 10 0.19 -6.43 -14.63
N LEU A 11 1.36 -6.13 -14.09
CA LEU A 11 1.98 -6.96 -13.02
C LEU A 11 2.32 -6.05 -11.87
N GLY A 12 1.98 -6.51 -10.68
CA GLY A 12 2.26 -5.69 -9.50
C GLY A 12 2.22 -6.39 -8.16
N ILE A 13 2.04 -5.58 -7.12
CA ILE A 13 2.02 -6.08 -5.76
C ILE A 13 0.79 -5.56 -5.00
N GLU A 14 0.38 -6.31 -4.01
CA GLU A 14 -0.64 -5.86 -3.13
C GLU A 14 -0.03 -4.87 -2.13
N THR A 15 -0.64 -3.70 -1.98
CA THR A 15 -0.22 -2.76 -0.95
C THR A 15 -1.33 -2.62 0.14
N MET A 16 -1.00 -1.99 1.27
CA MET A 16 -1.95 -1.66 2.35
C MET A 16 -3.39 -1.33 1.92
N GLY A 17 -4.34 -2.13 2.36
CA GLY A 17 -5.74 -1.86 2.10
C GLY A 17 -6.20 -2.88 1.11
N GLY A 18 -5.28 -3.67 0.59
CA GLY A 18 -5.71 -4.70 -0.35
C GLY A 18 -5.78 -4.22 -1.79
N VAL A 19 -4.96 -3.24 -2.14
CA VAL A 19 -4.99 -2.71 -3.49
C VAL A 19 -3.80 -3.22 -4.28
N MET A 20 -3.98 -3.31 -5.62
CA MET A 20 -2.90 -3.74 -6.47
C MET A 20 -2.16 -2.47 -6.81
N THR A 21 -0.86 -2.46 -6.58
CA THR A 21 -0.04 -1.36 -7.08
C THR A 21 0.79 -1.84 -8.24
N THR A 22 0.69 -1.21 -9.40
CA THR A 22 1.36 -1.78 -10.56
C THR A 22 2.82 -1.38 -10.61
N LEU A 23 3.65 -2.32 -11.01
CA LEU A 23 5.07 -2.03 -11.29
C LEU A 23 5.33 -2.14 -12.74
N ILE A 24 4.73 -3.13 -13.39
CA ILE A 24 4.87 -3.18 -14.89
C ILE A 24 3.48 -3.04 -15.55
N ALA A 25 3.25 -1.93 -16.29
CA ALA A 25 1.96 -1.72 -16.97
C ALA A 25 1.69 -2.80 -18.04
N LYS A 26 0.40 -3.16 -18.18
CA LYS A 26 -0.14 -3.80 -19.40
C LYS A 26 0.49 -3.23 -20.66
N ASN A 27 0.90 -4.12 -21.56
CA ASN A 27 1.45 -3.79 -22.89
C ASN A 27 2.83 -3.17 -22.90
N THR A 28 3.67 -3.57 -21.95
CA THR A 28 5.04 -3.11 -21.85
C THR A 28 5.80 -4.20 -22.57
N THR A 29 6.77 -3.80 -23.39
CA THR A 29 7.57 -4.78 -24.17
C THR A 29 8.65 -5.43 -23.29
N ILE A 30 8.79 -6.75 -23.41
CA ILE A 30 9.85 -7.54 -22.78
C ILE A 30 11.11 -7.29 -23.61
N PRO A 31 12.32 -7.39 -22.99
CA PRO A 31 12.62 -7.50 -21.56
C PRO A 31 12.48 -6.12 -20.90
N THR A 32 12.33 -6.08 -19.58
CA THR A 32 12.10 -4.80 -18.89
C THR A 32 12.35 -5.01 -17.40
N LYS A 33 12.69 -3.94 -16.71
CA LYS A 33 12.97 -4.01 -15.27
C LYS A 33 12.44 -2.71 -14.68
N HIS A 34 11.50 -2.80 -13.72
CA HIS A 34 11.04 -1.60 -12.98
C HIS A 34 11.13 -1.78 -11.50
N SER A 35 11.36 -0.68 -10.79
CA SER A 35 11.57 -0.67 -9.34
CA SER A 35 11.43 -0.76 -9.34
C SER A 35 10.72 0.39 -8.67
N GLN A 36 10.28 0.13 -7.46
CA GLN A 36 9.66 1.18 -6.73
C GLN A 36 9.93 0.99 -5.29
N VAL A 37 9.96 2.09 -4.56
CA VAL A 37 10.32 1.95 -3.16
C VAL A 37 9.10 2.07 -2.26
N PHE A 38 8.99 1.11 -1.33
CA PHE A 38 7.82 0.96 -0.41
C PHE A 38 8.29 0.87 1.05
N SER A 39 7.35 0.94 2.01
CA SER A 39 7.74 0.96 3.41
C SER A 39 6.82 0.14 4.26
N THR A 40 6.99 0.27 5.58
CA THR A 40 6.22 -0.49 6.57
C THR A 40 4.98 0.31 6.96
N ALA A 41 3.95 -0.33 7.52
CA ALA A 41 2.74 0.40 7.95
C ALA A 41 2.64 0.63 9.45
N GLU A 42 3.52 -0.03 10.21
CA GLU A 42 3.52 0.01 11.67
C GLU A 42 4.90 0.28 12.27
N ASP A 43 4.91 1.03 13.36
CA ASP A 43 6.07 1.15 14.18
C ASP A 43 6.65 -0.23 14.55
N ASN A 44 7.96 -0.43 14.34
CA ASN A 44 8.59 -1.68 14.81
C ASN A 44 8.23 -2.91 13.97
N GLN A 45 7.53 -2.69 12.85
CA GLN A 45 7.22 -3.80 11.92
C GLN A 45 8.51 -4.49 11.49
N SER A 46 8.59 -5.83 11.58
CA SER A 46 9.89 -6.45 11.24
C SER A 46 9.93 -7.22 9.94
N ALA A 47 8.79 -7.32 9.27
CA ALA A 47 8.71 -7.95 7.96
C ALA A 47 7.60 -7.34 7.11
N VAL A 48 7.74 -7.49 5.80
CA VAL A 48 6.68 -7.13 4.83
C VAL A 48 6.46 -8.33 3.96
N THR A 49 5.23 -8.44 3.53
CA THR A 49 4.73 -9.47 2.62
C THR A 49 4.72 -8.92 1.22
N ILE A 50 5.28 -9.69 0.26
CA ILE A 50 5.26 -9.26 -1.12
C ILE A 50 4.36 -10.22 -1.81
N HIS A 51 3.16 -9.75 -2.10
CA HIS A 51 2.20 -10.54 -2.81
C HIS A 51 2.11 -9.99 -4.21
N VAL A 52 2.58 -10.82 -5.15
CA VAL A 52 2.65 -10.60 -6.59
C VAL A 52 1.39 -10.90 -7.37
N LEU A 53 0.92 -9.90 -8.12
CA LEU A 53 -0.38 -10.04 -8.75
C LEU A 53 -0.30 -9.75 -10.24
N GLN A 54 -1.22 -10.35 -10.98
CA GLN A 54 -1.36 -10.10 -12.43
C GLN A 54 -2.77 -9.68 -12.75
N GLY A 55 -2.90 -8.52 -13.37
CA GLY A 55 -4.23 -8.14 -13.84
C GLY A 55 -4.54 -6.67 -13.75
N GLU A 56 -5.76 -6.29 -14.11
CA GLU A 56 -6.08 -4.85 -14.22
C GLU A 56 -7.06 -4.30 -13.20
N ARG A 57 -7.44 -5.08 -12.21
CA ARG A 57 -8.41 -4.65 -11.22
C ARG A 57 -7.66 -3.90 -10.12
N LYS A 58 -8.34 -2.96 -9.49
CA LYS A 58 -7.77 -2.20 -8.37
C LYS A 58 -7.80 -3.04 -7.10
N ARG A 59 -8.77 -3.95 -6.98
CA ARG A 59 -8.75 -4.91 -5.85
C ARG A 59 -7.75 -6.11 -6.06
N ALA A 60 -6.81 -6.28 -5.13
CA ALA A 60 -5.84 -7.38 -5.15
C ALA A 60 -6.50 -8.73 -5.25
N ALA A 61 -7.53 -8.99 -4.45
CA ALA A 61 -8.20 -10.30 -4.46
C ALA A 61 -8.98 -10.59 -5.75
N ASP A 62 -9.15 -9.55 -6.59
CA ASP A 62 -9.79 -9.68 -7.91
C ASP A 62 -8.76 -9.95 -9.04
N ASN A 63 -7.44 -9.92 -8.73
CA ASN A 63 -6.40 -10.17 -9.74
C ASN A 63 -5.88 -11.58 -9.61
N LYS A 64 -5.05 -12.03 -10.57
CA LYS A 64 -4.43 -13.31 -10.39
C LYS A 64 -3.15 -13.22 -9.51
N SER A 65 -3.09 -14.13 -8.55
CA SER A 65 -1.98 -14.24 -7.61
C SER A 65 -0.90 -15.06 -8.24
N LEU A 66 0.32 -14.53 -8.33
CA LEU A 66 1.36 -15.26 -9.02
C LEU A 66 2.28 -15.94 -7.96
N GLY A 67 2.04 -15.59 -6.71
CA GLY A 67 2.89 -16.00 -5.59
C GLY A 67 3.10 -14.87 -4.59
N GLN A 68 3.72 -15.25 -3.48
CA GLN A 68 3.91 -14.39 -2.36
C GLN A 68 5.13 -14.82 -1.55
N PHE A 69 5.89 -13.86 -1.01
CA PHE A 69 7.03 -14.15 -0.10
C PHE A 69 7.13 -12.98 0.87
N ASN A 70 7.88 -13.17 1.95
CA ASN A 70 8.10 -12.13 2.95
C ASN A 70 9.58 -11.69 2.92
N LEU A 71 9.87 -10.45 3.27
CA LEU A 71 11.23 -10.08 3.58
C LEU A 71 11.13 -9.77 5.05
N ASP A 72 11.92 -10.46 5.90
CA ASP A 72 11.96 -10.07 7.28
C ASP A 72 13.32 -9.46 7.65
N GLY A 73 13.56 -9.38 8.97
CA GLY A 73 14.76 -8.78 9.56
C GLY A 73 14.81 -7.25 9.38
N ILE A 74 13.63 -6.63 9.29
CA ILE A 74 13.57 -5.17 9.17
C ILE A 74 13.84 -4.69 10.60
N ASN A 75 14.78 -3.77 10.75
CA ASN A 75 15.19 -3.35 12.06
C ASN A 75 14.12 -2.40 12.60
N PRO A 76 13.96 -2.32 13.96
CA PRO A 76 12.99 -1.39 14.55
C PRO A 76 13.10 0.08 14.07
N ALA A 77 11.97 0.62 13.64
CA ALA A 77 11.89 1.97 13.09
C ALA A 77 10.43 2.36 13.14
N PRO A 78 10.19 3.68 13.17
CA PRO A 78 8.88 4.25 13.03
C PRO A 78 8.30 3.84 11.66
N ARG A 79 6.99 3.62 11.55
CA ARG A 79 6.39 3.27 10.26
C ARG A 79 6.73 4.26 9.15
N GLY A 80 6.89 3.73 7.93
CA GLY A 80 7.07 4.58 6.79
C GLY A 80 8.52 5.00 6.66
N MET A 81 9.35 4.52 7.58
CA MET A 81 10.77 4.86 7.54
C MET A 81 11.66 3.86 6.83
N PRO A 82 11.46 2.54 7.06
CA PRO A 82 12.24 1.62 6.19
C PRO A 82 12.03 1.78 4.64
N GLN A 83 13.12 1.62 3.86
CA GLN A 83 13.08 1.68 2.42
C GLN A 83 13.21 0.24 1.86
N ILE A 84 12.09 -0.31 1.40
CA ILE A 84 12.06 -1.65 0.84
C ILE A 84 11.93 -1.50 -0.67
N GLU A 85 12.97 -1.76 -1.43
CA GLU A 85 12.90 -1.53 -2.84
C GLU A 85 12.42 -2.80 -3.54
N VAL A 86 11.31 -2.70 -4.28
CA VAL A 86 10.73 -3.86 -4.96
C VAL A 86 11.08 -3.74 -6.44
N THR A 87 11.70 -4.74 -7.03
CA THR A 87 12.08 -4.68 -8.45
C THR A 87 11.35 -5.76 -9.19
N PHE A 88 10.61 -5.43 -10.25
CA PHE A 88 10.06 -6.42 -11.16
C PHE A 88 10.95 -6.48 -12.40
N ASP A 89 11.51 -7.66 -12.68
CA ASP A 89 12.43 -7.84 -13.81
C ASP A 89 11.97 -9.01 -14.73
N ILE A 90 11.52 -8.71 -15.95
CA ILE A 90 11.15 -9.77 -16.90
C ILE A 90 12.20 -9.86 -17.97
N ASP A 91 12.88 -11.00 -18.02
CA ASP A 91 13.93 -11.23 -19.03
C ASP A 91 13.38 -11.62 -20.41
N ALA A 92 14.29 -11.68 -21.39
CA ALA A 92 13.92 -12.05 -22.77
C ALA A 92 13.16 -13.39 -22.88
N ASP A 93 13.32 -14.27 -21.89
CA ASP A 93 12.65 -15.57 -21.86
C ASP A 93 11.17 -15.50 -21.35
N GLY A 94 10.73 -14.29 -21.00
CA GLY A 94 9.45 -14.04 -20.35
C GLY A 94 9.34 -14.53 -18.92
N ILE A 95 10.49 -14.79 -18.28
CA ILE A 95 10.51 -15.11 -16.86
C ILE A 95 10.49 -13.81 -16.00
N LEU A 96 9.59 -13.78 -15.01
CA LEU A 96 9.57 -12.64 -14.06
C LEU A 96 10.33 -12.95 -12.77
N HIS A 97 11.28 -12.11 -12.44
CA HIS A 97 11.89 -12.13 -11.12
C HIS A 97 11.48 -10.95 -10.32
N VAL A 98 10.98 -11.16 -9.11
CA VAL A 98 10.60 -10.04 -8.21
C VAL A 98 11.36 -10.13 -6.93
N SER A 99 12.19 -9.12 -6.66
CA SER A 99 12.99 -9.13 -5.45
C SER A 99 12.55 -7.98 -4.56
N ALA A 100 12.77 -8.11 -3.25
CA ALA A 100 12.61 -6.96 -2.36
C ALA A 100 13.92 -6.84 -1.58
N LYS A 101 14.53 -5.66 -1.59
CA LYS A 101 15.78 -5.40 -0.84
C LYS A 101 15.52 -4.29 0.23
N ASP A 102 15.82 -4.62 1.49
CA ASP A 102 15.86 -3.62 2.60
C ASP A 102 17.16 -2.88 2.44
N LYS A 103 17.07 -1.57 2.19
CA LYS A 103 18.23 -0.77 1.92
C LYS A 103 19.01 -0.50 3.15
N ASN A 104 18.40 -0.65 4.33
CA ASN A 104 19.17 -0.50 5.58
C ASN A 104 19.97 -1.79 5.88
N SER A 105 19.24 -2.89 6.05
CA SER A 105 19.78 -4.19 6.44
C SER A 105 20.49 -4.85 5.32
N GLY A 106 20.30 -4.40 4.09
CA GLY A 106 20.94 -5.03 2.90
C GLY A 106 20.29 -6.35 2.47
N LYS A 107 19.44 -6.90 3.34
CA LYS A 107 18.69 -8.15 3.09
C LYS A 107 17.74 -8.11 1.86
N GLU A 108 17.66 -9.23 1.17
CA GLU A 108 16.92 -9.31 -0.07
C GLU A 108 16.26 -10.68 -0.10
N GLN A 109 15.05 -10.75 -0.62
CA GLN A 109 14.36 -11.99 -0.88
C GLN A 109 13.73 -11.85 -2.25
N LYS A 110 13.56 -12.98 -2.93
CA LYS A 110 13.16 -13.03 -4.32
C LYS A 110 12.14 -14.18 -4.56
N ILE A 111 11.19 -13.95 -5.45
CA ILE A 111 10.43 -15.04 -6.06
C ILE A 111 10.62 -14.98 -7.59
N THR A 112 10.68 -16.15 -8.23
CA THR A 112 10.84 -16.27 -9.69
C THR A 112 9.63 -16.96 -10.27
N ILE A 113 9.06 -16.40 -11.33
CA ILE A 113 7.73 -16.80 -11.78
C ILE A 113 7.88 -17.13 -13.25
N LYS A 114 7.66 -18.40 -13.56
CA LYS A 114 7.82 -18.91 -14.93
C LYS A 114 6.86 -18.25 -15.95
N ALA A 115 7.28 -18.24 -17.23
CA ALA A 115 6.65 -17.43 -18.29
C ALA A 115 5.28 -17.98 -18.62
N SER A 116 5.08 -19.23 -18.24
CA SER A 116 3.80 -19.91 -18.38
C SER A 116 2.86 -19.70 -17.22
N SER A 117 3.29 -19.00 -16.17
CA SER A 117 2.38 -18.65 -15.03
C SER A 117 1.24 -17.69 -15.31
N GLY A 118 0.27 -17.67 -14.41
CA GLY A 118 -0.75 -16.66 -14.47
C GLY A 118 -1.90 -17.10 -15.35
N LEU A 119 -2.55 -16.14 -15.97
CA LEU A 119 -3.86 -16.40 -16.60
C LEU A 119 -3.62 -16.77 -18.00
N ASN A 120 -4.40 -17.74 -18.49
CA ASN A 120 -4.35 -18.15 -19.89
C ASN A 120 -5.15 -17.11 -20.71
N GLU A 121 -5.07 -17.15 -22.04
CA GLU A 121 -5.74 -16.12 -22.86
C GLU A 121 -7.21 -15.92 -22.61
N ASP A 122 -7.98 -17.00 -22.45
CA ASP A 122 -9.42 -16.78 -22.20
C ASP A 122 -9.63 -15.94 -20.93
N GLU A 123 -8.88 -16.27 -19.88
CA GLU A 123 -8.87 -15.51 -18.66
C GLU A 123 -8.32 -14.09 -18.85
N ILE A 124 -7.27 -13.94 -19.64
CA ILE A 124 -6.72 -12.63 -19.94
C ILE A 124 -7.83 -11.71 -20.51
N GLN A 125 -8.49 -12.14 -21.59
CA GLN A 125 -9.57 -11.31 -22.17
C GLN A 125 -10.77 -11.21 -21.20
N LYS A 126 -11.06 -12.24 -20.40
CA LYS A 126 -12.08 -12.08 -19.34
C LYS A 126 -11.72 -10.99 -18.34
N MET A 127 -10.43 -10.84 -18.08
CA MET A 127 -9.90 -9.86 -17.16
C MET A 127 -9.97 -8.46 -17.74
N VAL A 128 -9.62 -8.30 -19.01
CA VAL A 128 -9.70 -6.97 -19.62
C VAL A 128 -11.15 -6.49 -19.66
N ARG A 129 -12.08 -7.40 -19.90
CA ARG A 129 -13.52 -7.03 -19.88
C ARG A 129 -14.03 -6.67 -18.50
N ASP A 130 -13.65 -7.49 -17.51
CA ASP A 130 -14.07 -7.27 -16.12
C ASP A 130 -13.57 -5.94 -15.54
N ALA A 131 -12.33 -5.58 -15.89
CA ALA A 131 -11.69 -4.31 -15.50
C ALA A 131 -12.48 -3.19 -16.11
N GLU A 132 -12.79 -3.36 -17.39
CA GLU A 132 -13.54 -2.37 -18.20
C GLU A 132 -14.95 -2.17 -17.61
N ALA A 133 -15.67 -3.28 -17.38
CA ALA A 133 -17.04 -3.24 -16.81
C ALA A 133 -17.08 -2.54 -15.46
N ASN A 134 -15.97 -2.62 -14.75
CA ASN A 134 -15.99 -2.35 -13.34
C ASN A 134 -15.19 -1.13 -12.99
N ALA A 135 -15.06 -0.20 -13.94
CA ALA A 135 -14.17 0.90 -13.64
C ALA A 135 -14.73 1.65 -12.42
N GLU A 136 -16.05 1.77 -12.33
CA GLU A 136 -16.68 2.55 -11.25
C GLU A 136 -16.48 1.94 -9.88
N ALA A 137 -16.84 0.67 -9.73
CA ALA A 137 -16.71 -0.07 -8.47
C ALA A 137 -15.28 -0.03 -7.94
N ASP A 138 -14.32 -0.30 -8.82
CA ASP A 138 -12.90 -0.20 -8.53
C ASP A 138 -12.42 1.21 -8.22
N ARG A 139 -13.01 2.23 -8.84
CA ARG A 139 -12.59 3.59 -8.53
C ARG A 139 -13.06 3.84 -7.11
N LYS A 140 -14.33 3.52 -6.85
CA LYS A 140 -14.88 3.65 -5.49
C LYS A 140 -14.06 2.85 -4.49
N PHE A 141 -13.65 1.63 -4.83
CA PHE A 141 -12.79 0.93 -3.86
C PHE A 141 -11.40 1.59 -3.69
N GLU A 142 -10.90 2.18 -4.76
CA GLU A 142 -9.60 2.82 -4.67
C GLU A 142 -9.66 4.06 -3.76
N GLU A 143 -10.72 4.85 -3.90
CA GLU A 143 -10.88 6.04 -3.06
C GLU A 143 -11.14 5.71 -1.59
N LEU A 144 -11.92 4.65 -1.32
CA LEU A 144 -12.12 4.17 0.05
C LEU A 144 -10.82 3.72 0.70
N VAL A 145 -9.96 3.04 -0.05
CA VAL A 145 -8.68 2.53 0.49
C VAL A 145 -7.74 3.71 0.82
N GLN A 146 -7.77 4.71 -0.04
CA GLN A 146 -6.97 5.89 0.09
C GLN A 146 -7.52 6.73 1.25
N THR A 147 -8.84 6.86 1.42
CA THR A 147 -9.34 7.49 2.67
C THR A 147 -8.93 6.73 3.92
N ARG A 148 -9.07 5.42 3.90
CA ARG A 148 -8.79 4.61 5.08
C ARG A 148 -7.30 4.74 5.51
N ASN A 149 -6.41 4.72 4.54
CA ASN A 149 -4.96 4.87 4.81
C ASN A 149 -4.64 6.27 5.30
N GLN A 150 -5.29 7.29 4.75
CA GLN A 150 -5.15 8.65 5.32
C GLN A 150 -5.66 8.66 6.73
N GLY A 151 -6.82 8.04 6.96
CA GLY A 151 -7.33 8.07 8.33
C GLY A 151 -6.37 7.38 9.30
N ASP A 152 -5.82 6.24 8.89
CA ASP A 152 -4.83 5.50 9.67
C ASP A 152 -3.57 6.35 9.98
N HIS A 153 -3.08 7.07 8.97
CA HIS A 153 -1.90 7.90 9.14
C HIS A 153 -2.21 9.02 10.09
N LEU A 154 -3.44 9.52 10.06
CA LEU A 154 -3.81 10.63 10.91
C LEU A 154 -3.99 10.13 12.36
N LEU A 155 -4.60 8.96 12.49
CA LEU A 155 -4.74 8.23 13.75
C LEU A 155 -3.36 8.11 14.43
N HIS A 156 -2.44 7.48 13.71
CA HIS A 156 -1.07 7.25 14.16
C HIS A 156 -0.27 8.51 14.45
N SER A 157 -0.28 9.53 13.57
CA SER A 157 0.47 10.76 13.82
C SER A 157 -0.04 11.56 15.02
N THR A 158 -1.35 11.63 15.16
CA THR A 158 -1.93 12.44 16.19
C THR A 158 -1.57 11.77 17.51
N ARG A 159 -1.62 10.44 17.59
CA ARG A 159 -1.20 9.77 18.85
C ARG A 159 0.24 10.10 19.23
N LYS A 160 1.13 10.05 18.24
CA LYS A 160 2.55 10.36 18.47
C LYS A 160 2.68 11.77 18.96
N GLN A 161 1.91 12.69 18.39
CA GLN A 161 2.01 14.11 18.73
C GLN A 161 1.41 14.43 20.07
N VAL A 162 0.37 13.70 20.47
CA VAL A 162 -0.17 13.75 21.84
C VAL A 162 0.97 13.42 22.83
N GLU A 163 1.63 12.29 22.58
CA GLU A 163 2.87 11.89 23.28
C GLU A 163 3.93 12.99 23.43
N GLU A 164 4.52 13.44 22.31
CA GLU A 164 5.56 14.48 22.36
C GLU A 164 5.08 15.82 22.93
N ALA A 165 3.76 16.03 22.96
CA ALA A 165 3.20 17.23 23.60
C ALA A 165 3.15 17.11 25.14
N GLY A 166 2.70 15.96 25.64
CA GLY A 166 2.45 15.81 27.08
C GLY A 166 1.81 17.03 27.73
N ASP A 167 2.46 17.61 28.73
CA ASP A 167 1.86 18.71 29.44
C ASP A 167 1.56 19.97 28.62
N LYS A 168 2.16 20.13 27.46
CA LYS A 168 1.94 21.38 26.71
C LYS A 168 0.45 21.46 26.30
N LEU A 169 -0.17 20.29 26.16
CA LEU A 169 -1.55 20.21 25.63
C LEU A 169 -2.56 20.33 26.79
N PRO A 170 -3.50 21.32 26.71
CA PRO A 170 -4.44 21.55 27.80
C PRO A 170 -5.29 20.31 28.04
N ALA A 171 -5.80 20.16 29.27
CA ALA A 171 -6.61 19.01 29.65
C ALA A 171 -7.77 18.84 28.68
N ASP A 172 -8.56 19.90 28.50
CA ASP A 172 -9.75 19.85 27.60
C ASP A 172 -9.40 19.39 26.16
N ASP A 173 -8.30 19.89 25.59
CA ASP A 173 -7.87 19.44 24.26
C ASP A 173 -7.60 17.95 24.22
N LYS A 174 -6.75 17.45 25.10
CA LYS A 174 -6.44 16.01 25.12
C LYS A 174 -7.71 15.12 25.20
N THR A 175 -8.70 15.56 25.98
CA THR A 175 -9.94 14.78 26.13
C THR A 175 -10.73 14.77 24.82
N ALA A 176 -10.79 15.92 24.16
CA ALA A 176 -11.57 16.05 22.93
C ALA A 176 -10.86 15.25 21.84
N ILE A 177 -9.56 15.54 21.66
CA ILE A 177 -8.72 14.75 20.77
C ILE A 177 -8.73 13.23 21.01
N GLU A 178 -8.58 12.77 22.24
CA GLU A 178 -8.63 11.31 22.44
C GLU A 178 -9.98 10.67 22.19
N SER A 179 -11.03 11.44 22.41
CA SER A 179 -12.35 10.93 22.10
C SER A 179 -12.48 10.71 20.59
N ALA A 180 -11.92 11.66 19.84
CA ALA A 180 -11.98 11.61 18.41
C ALA A 180 -11.13 10.46 17.86
N LEU A 181 -9.94 10.22 18.43
CA LEU A 181 -9.08 9.13 17.94
C LEU A 181 -9.80 7.80 18.15
N THR A 182 -10.52 7.66 19.26
CA THR A 182 -11.31 6.41 19.49
C THR A 182 -12.42 6.16 18.44
N ALA A 183 -13.09 7.25 18.03
CA ALA A 183 -14.22 7.10 17.09
C ALA A 183 -13.54 6.90 15.68
N LEU A 184 -12.47 7.67 15.42
CA LEU A 184 -11.72 7.49 14.16
C LEU A 184 -11.28 6.02 14.02
N GLU A 185 -10.65 5.48 15.08
CA GLU A 185 -10.20 4.11 15.10
C GLU A 185 -11.39 3.14 14.94
N THR A 186 -12.51 3.41 15.59
CA THR A 186 -13.74 2.66 15.23
C THR A 186 -14.11 2.70 13.73
N ALA A 187 -14.21 3.91 13.18
CA ALA A 187 -14.69 4.09 11.81
C ALA A 187 -13.76 3.35 10.84
N LEU A 188 -12.50 3.30 11.19
CA LEU A 188 -11.54 2.67 10.28
C LEU A 188 -11.82 1.20 10.11
N LYS A 189 -12.55 0.61 11.07
CA LYS A 189 -12.93 -0.79 11.04
C LYS A 189 -14.20 -1.11 10.22
N GLY A 190 -14.86 -0.10 9.63
CA GLY A 190 -16.00 -0.30 8.68
C GLY A 190 -15.64 -0.08 7.20
N GLU A 191 -16.66 0.15 6.36
CA GLU A 191 -16.47 0.33 4.92
C GLU A 191 -17.16 1.57 4.45
N ASP A 192 -17.44 2.45 5.40
CA ASP A 192 -18.22 3.64 5.15
C ASP A 192 -17.25 4.79 4.96
N LYS A 193 -17.00 5.15 3.71
CA LYS A 193 -16.08 6.19 3.41
C LYS A 193 -16.47 7.54 4.06
N ALA A 194 -17.75 7.90 4.06
CA ALA A 194 -18.14 9.20 4.58
C ALA A 194 -17.92 9.23 6.11
N ALA A 195 -18.15 8.10 6.75
CA ALA A 195 -18.03 8.00 8.21
C ALA A 195 -16.57 8.17 8.63
N ILE A 196 -15.65 7.53 7.92
CA ILE A 196 -14.24 7.81 8.15
C ILE A 196 -13.90 9.27 7.92
N GLU A 197 -14.42 9.90 6.87
CA GLU A 197 -14.00 11.31 6.67
C GLU A 197 -14.61 12.19 7.82
N ALA A 198 -15.82 11.85 8.25
CA ALA A 198 -16.53 12.61 9.29
C ALA A 198 -15.70 12.49 10.61
N LYS A 199 -15.20 11.29 10.90
CA LYS A 199 -14.35 11.13 12.11
C LYS A 199 -12.97 11.81 11.95
N MET A 200 -12.43 11.86 10.72
CA MET A 200 -11.15 12.55 10.46
C MET A 200 -11.29 14.03 10.58
N GLN A 201 -12.48 14.49 10.19
CA GLN A 201 -12.87 15.89 10.25
C GLN A 201 -13.06 16.37 11.70
N GLU A 202 -13.71 15.54 12.51
CA GLU A 202 -13.91 15.84 13.91
C GLU A 202 -12.56 16.03 14.59
N LEU A 203 -11.66 15.10 14.33
CA LEU A 203 -10.28 15.18 14.76
C LEU A 203 -9.57 16.45 14.25
N ALA A 204 -9.73 16.85 12.99
CA ALA A 204 -9.06 18.10 12.53
C ALA A 204 -9.62 19.26 13.38
N GLN A 205 -10.92 19.21 13.63
CA GLN A 205 -11.60 20.26 14.36
C GLN A 205 -11.21 20.38 15.81
N VAL A 206 -10.88 19.29 16.49
CA VAL A 206 -10.52 19.43 17.90
C VAL A 206 -8.99 19.54 18.13
N SER A 207 -8.18 19.33 17.10
CA SER A 207 -6.73 19.16 17.27
C SER A 207 -5.97 20.42 17.01
N GLN A 208 -6.67 21.53 16.78
CA GLN A 208 -5.95 22.78 16.41
C GLN A 208 -4.87 23.25 17.41
N LYS A 209 -5.12 23.09 18.71
CA LYS A 209 -4.08 23.43 19.68
C LYS A 209 -2.91 22.47 19.58
N LEU A 210 -3.19 21.17 19.57
CA LEU A 210 -2.11 20.16 19.33
C LEU A 210 -1.23 20.45 18.08
N MET A 211 -1.87 20.85 16.99
CA MET A 211 -1.20 21.11 15.69
C MET A 211 -0.21 22.27 15.84
N GLU A 212 -0.61 23.26 16.63
CA GLU A 212 0.27 24.41 16.90
C GLU A 212 1.50 24.03 17.72
N ILE A 213 1.27 23.20 18.74
CA ILE A 213 2.31 22.74 19.66
C ILE A 213 3.27 21.85 18.89
N ALA A 214 2.74 20.90 18.12
CA ALA A 214 3.58 20.12 17.19
C ALA A 214 4.38 20.94 16.14
N GLN A 215 3.74 21.86 15.42
CA GLN A 215 4.45 22.83 14.56
C GLN A 215 5.54 23.58 15.36
N GLN A 216 5.19 24.12 16.52
CA GLN A 216 6.16 24.82 17.37
C GLN A 216 7.33 23.94 17.84
N GLN A 217 7.10 22.65 18.01
CA GLN A 217 8.15 21.78 18.51
C GLN A 217 9.41 21.80 17.65
N HIS A 218 9.27 21.87 16.31
CA HIS A 218 10.40 21.61 15.38
C HIS A 218 10.81 22.74 14.45
N GLU B 1 4.68 -9.22 7.15
CA GLU B 1 3.50 -9.47 8.06
C GLU B 1 2.34 -8.49 7.76
N LEU B 2 2.59 -7.52 6.88
CA LEU B 2 1.57 -6.65 6.32
C LEU B 2 2.02 -6.34 4.92
N PRO B 3 1.04 -6.08 4.01
CA PRO B 3 1.46 -5.66 2.68
C PRO B 3 2.31 -4.41 2.85
N LEU B 4 3.16 -4.16 1.88
CA LEU B 4 3.87 -2.86 1.80
C LEU B 4 3.02 -1.61 1.74
N VAL B 5 3.59 -0.49 2.19
CA VAL B 5 2.90 0.80 2.15
C VAL B 5 3.42 1.65 1.02
N LYS B 6 2.51 2.07 0.17
CA LYS B 6 2.85 2.91 -0.94
C LYS B 6 3.24 4.21 -0.26
N ILE B 7 4.48 4.64 -0.38
CA ILE B 7 4.83 5.87 0.36
C ILE B 7 4.84 7.12 -0.53
#